data_4WVJ
#
_entry.id   4WVJ
#
_cell.length_a   64.110
_cell.length_b   80.101
_cell.length_c   119.648
_cell.angle_alpha   90.000
_cell.angle_beta   90.000
_cell.angle_gamma   90.000
#
_symmetry.space_group_name_H-M   'P 21 21 21'
#
loop_
_entity.id
_entity.type
_entity.pdbx_description
1 polymer 'Maltose-binding periplasmic protein,Signal peptidase IB'
2 polymer 'inhibitor peptide (PEP3)'
3 branched alpha-D-glucopyranose-(1-4)-alpha-D-glucopyranose
4 water water
#
loop_
_entity_poly.entity_id
_entity_poly.type
_entity_poly.pdbx_seq_one_letter_code
_entity_poly.pdbx_strand_id
1 'polypeptide(L)'
;MSYYHHHHHHHMLVIWINGDKGYNGLAQVGKKFEKDTGIKVTVEHPYKLEEKFPQVAATGDGPDIIFWAHDRFGGYACSG
LLAEITPDKAFQDKLYPFTWDAVRYNGKLIAYPIAVEALSLIYNKDLLPNPPKTWEEIPALDGELKAKGKSALMFNLQEP
YFTWPLIAADGGYAFKYENGKYDIKDVGVDNAGAKAGLTFLVDLIKNKHMNADTDYSIAEAAFNKGETAMTINGPWAWSN
IDTSKVNYGVTVLPTFKGQPSKPFVGVLSAGINAASPNKELAKEFLENYLLTDEGLEAVNKDKPLGAVALKSYEEELAKD
PRIAATMENAQKGEIMPNIPQMSAFWYAVRTAVINAASGRQTVDEALKDAQTNAGAIVTPYTIKGESMDPTLKDGERVAV
NIVGYKTGGLEKGNVVVFHANKNDDYVKRVIGVPGDKVEYKNDTLYVNGKKQDEPYLNYNLKHKQGDYITGTFQVKDLPN
ANPKSNVIPKGKYLVLGDNREVSKDSRAFGLIDEDQIVGKVSFRFWSHPQFEK
;
A
2 'polypeptide(L)' GGGGGAPTAKAPSK D
#
loop_
_chem_comp.id
_chem_comp.type
_chem_comp.name
_chem_comp.formula
GLC D-saccharide, alpha linking alpha-D-glucopyranose 'C6 H12 O6'
#
# COMPACT_ATOMS: atom_id res chain seq x y z
N LEU A 13 -9.98 16.84 20.86
CA LEU A 13 -9.62 16.19 19.55
C LEU A 13 -8.15 15.84 19.45
N VAL A 14 -7.86 14.60 19.04
CA VAL A 14 -6.50 14.20 18.71
C VAL A 14 -6.36 14.12 17.19
N ILE A 15 -5.31 14.74 16.68
CA ILE A 15 -5.09 14.85 15.23
C ILE A 15 -3.72 14.28 14.85
N TRP A 16 -3.71 13.42 13.83
CA TRP A 16 -2.49 12.84 13.30
C TRP A 16 -2.22 13.39 11.91
N ILE A 17 -0.98 13.85 11.71
CA ILE A 17 -0.50 14.37 10.42
C ILE A 17 0.98 14.03 10.26
N ASN A 18 1.44 13.85 9.03
CA ASN A 18 2.82 13.43 8.80
C ASN A 18 3.85 14.45 9.26
N GLY A 19 5.02 13.95 9.69
CA GLY A 19 6.06 14.79 10.28
C GLY A 19 6.70 15.78 9.32
N ASP A 20 6.44 15.61 8.03
CA ASP A 20 6.98 16.54 7.02
C ASP A 20 6.04 17.71 6.73
N LYS A 21 4.84 17.67 7.31
CA LYS A 21 3.83 18.70 7.07
C LYS A 21 3.87 19.79 8.16
N GLY A 22 3.07 20.85 7.97
CA GLY A 22 3.07 21.98 8.89
C GLY A 22 2.29 21.72 10.18
N TYR A 23 2.77 20.78 11.00
CA TYR A 23 2.01 20.40 12.20
C TYR A 23 1.96 21.46 13.31
N ASN A 24 3.00 22.28 13.40
CA ASN A 24 3.00 23.46 14.27
C ASN A 24 1.96 24.50 13.84
N GLY A 25 1.84 24.72 12.54
CA GLY A 25 0.79 25.58 12.01
C GLY A 25 -0.59 25.03 12.33
N LEU A 26 -0.76 23.73 12.14
CA LEU A 26 -2.05 23.09 12.43
C LEU A 26 -2.39 23.22 13.93
N ALA A 27 -1.37 23.15 14.77
CA ALA A 27 -1.52 23.32 16.22
C ALA A 27 -2.03 24.72 16.57
N GLN A 28 -1.58 25.73 15.83
CA GLN A 28 -2.07 27.10 15.98
C GLN A 28 -3.56 27.22 15.66
N VAL A 29 -4.01 26.54 14.62
CA VAL A 29 -5.44 26.45 14.34
C VAL A 29 -6.16 25.75 15.50
N GLY A 30 -5.50 24.72 16.04
CA GLY A 30 -5.98 24.00 17.21
C GLY A 30 -6.16 24.91 18.42
N LYS A 31 -5.19 25.79 18.64
CA LYS A 31 -5.24 26.76 19.74
C LYS A 31 -6.39 27.79 19.59
N LYS A 32 -6.63 28.24 18.36
CA LYS A 32 -7.76 29.13 18.06
C LYS A 32 -9.10 28.44 18.34
N PHE A 33 -9.22 27.16 17.97
CA PHE A 33 -10.41 26.35 18.24
C PHE A 33 -10.64 26.24 19.75
N GLU A 34 -9.57 25.99 20.50
CA GLU A 34 -9.62 25.86 21.96
C GLU A 34 -10.04 27.17 22.60
N LYS A 35 -9.44 28.27 22.16
CA LYS A 35 -9.77 29.60 22.65
C LYS A 35 -11.24 29.95 22.42
N ASP A 36 -11.79 29.57 21.27
CA ASP A 36 -13.20 29.82 20.95
C ASP A 36 -14.17 28.91 21.69
N THR A 37 -13.77 27.65 21.89
CA THR A 37 -14.70 26.59 22.28
C THR A 37 -14.36 25.91 23.60
N GLY A 38 -13.16 26.12 24.12
CA GLY A 38 -12.69 25.39 25.30
C GLY A 38 -12.15 24.00 24.99
N ILE A 39 -12.50 23.44 23.83
CA ILE A 39 -12.10 22.09 23.44
C ILE A 39 -10.61 22.06 23.00
N LYS A 40 -9.81 21.29 23.73
CA LYS A 40 -8.37 21.20 23.50
C LYS A 40 -8.05 20.34 22.28
N VAL A 41 -7.07 20.79 21.50
CA VAL A 41 -6.66 20.07 20.29
C VAL A 41 -5.20 19.62 20.39
N THR A 42 -4.95 18.32 20.30
CA THR A 42 -3.58 17.80 20.33
C THR A 42 -3.14 17.25 18.97
N VAL A 43 -2.12 17.87 18.39
CA VAL A 43 -1.56 17.46 17.10
C VAL A 43 -0.34 16.56 17.30
N GLU A 44 -0.43 15.33 16.80
CA GLU A 44 0.71 14.41 16.82
C GLU A 44 1.18 14.02 15.42
N HIS A 45 2.46 13.66 15.31
CA HIS A 45 3.05 13.25 14.04
C HIS A 45 3.83 11.97 14.17
N PRO A 46 3.13 10.85 14.42
CA PRO A 46 3.81 9.57 14.69
C PRO A 46 4.57 9.08 13.48
N TYR A 47 5.65 8.35 13.73
CA TYR A 47 6.39 7.66 12.68
C TYR A 47 5.50 6.61 12.01
N LYS A 48 5.49 6.59 10.67
CA LYS A 48 4.65 5.66 9.90
C LYS A 48 3.20 5.60 10.36
N LEU A 49 2.60 6.77 10.57
CA LEU A 49 1.23 6.87 11.06
C LEU A 49 0.22 6.19 10.13
N GLU A 50 0.49 6.26 8.82
CA GLU A 50 -0.41 5.67 7.82
C GLU A 50 -0.57 4.16 8.06
N GLU A 51 0.45 3.55 8.65
CA GLU A 51 0.41 2.14 9.03
C GLU A 51 -0.11 1.88 10.45
N LYS A 52 0.19 2.77 11.39
CA LYS A 52 -0.33 2.67 12.76
C LYS A 52 -1.86 2.78 12.81
N PHE A 53 -2.40 3.73 12.05
CA PHE A 53 -3.83 4.02 12.12
C PHE A 53 -4.77 2.82 12.15
N PRO A 54 -4.61 1.85 11.21
CA PRO A 54 -5.54 0.70 11.22
C PRO A 54 -5.46 -0.19 12.47
N GLN A 55 -4.29 -0.24 13.13
CA GLN A 55 -4.14 -0.97 14.38
C GLN A 55 -4.99 -0.32 15.46
N VAL A 56 -4.74 0.97 15.68
CA VAL A 56 -5.35 1.69 16.80
C VAL A 56 -6.78 2.17 16.50
N ALA A 57 -7.17 2.15 15.22
CA ALA A 57 -8.52 2.54 14.83
C ALA A 57 -9.56 1.62 15.48
N ALA A 58 -10.14 2.14 16.57
CA ALA A 58 -10.98 1.41 17.54
C ALA A 58 -10.38 1.48 18.95
N THR A 59 -9.59 2.52 19.23
CA THR A 59 -8.98 2.71 20.56
C THR A 59 -8.98 4.20 20.94
N GLY A 62 -7.55 5.44 18.26
CA GLY A 62 -6.44 6.36 17.96
C GLY A 62 -6.88 7.82 17.84
N PRO A 63 -6.45 8.52 16.78
CA PRO A 63 -6.77 9.93 16.60
C PRO A 63 -8.24 10.15 16.26
N ASP A 64 -8.77 11.32 16.59
CA ASP A 64 -10.10 11.67 16.07
C ASP A 64 -10.04 12.04 14.59
N ILE A 65 -8.92 12.64 14.19
CA ILE A 65 -8.72 13.07 12.80
C ILE A 65 -7.38 12.58 12.27
N ILE A 66 -7.40 11.97 11.09
CA ILE A 66 -6.16 11.54 10.45
C ILE A 66 -5.95 12.25 9.11
N PHE A 67 -4.77 12.87 8.97
CA PHE A 67 -4.37 13.52 7.73
C PHE A 67 -3.41 12.61 6.96
N TRP A 68 -3.71 12.36 5.70
CA TRP A 68 -2.79 11.71 4.76
C TRP A 68 -3.24 12.02 3.36
N ALA A 69 -2.41 11.75 2.36
CA ALA A 69 -2.86 11.82 0.99
C ALA A 69 -4.03 10.86 0.81
N HIS A 70 -4.93 11.19 -0.12
CA HIS A 70 -6.19 10.47 -0.30
C HIS A 70 -6.06 9.01 -0.65
N ASP A 71 -4.90 8.56 -1.14
CA ASP A 71 -4.75 7.19 -1.65
C ASP A 71 -4.96 6.13 -0.57
N ARG A 72 -4.61 6.47 0.67
CA ARG A 72 -4.74 5.50 1.77
C ARG A 72 -6.16 5.34 2.30
N PHE A 73 -7.05 6.26 1.95
CA PHE A 73 -8.36 6.33 2.61
C PHE A 73 -9.38 5.30 2.19
N GLY A 74 -9.31 4.81 0.96
CA GLY A 74 -10.20 3.76 0.49
C GLY A 74 -10.00 2.48 1.29
N GLY A 75 -8.74 2.14 1.56
CA GLY A 75 -8.42 1.01 2.42
C GLY A 75 -9.00 1.20 3.82
N TYR A 76 -8.84 2.40 4.38
CA TYR A 76 -9.39 2.68 5.71
C TYR A 76 -10.90 2.53 5.71
N ALA A 77 -11.58 3.16 4.75
CA ALA A 77 -13.04 3.03 4.63
C ALA A 77 -13.51 1.58 4.44
N CYS A 78 -12.82 0.84 3.58
CA CYS A 78 -13.14 -0.57 3.33
C CYS A 78 -13.10 -1.38 4.63
N SER A 79 -12.18 -0.99 5.51
CA SER A 79 -12.06 -1.58 6.84
C SER A 79 -13.01 -1.00 7.89
N GLY A 80 -13.91 -0.12 7.48
CA GLY A 80 -14.88 0.50 8.40
C GLY A 80 -14.25 1.39 9.46
N LEU A 81 -13.13 2.02 9.12
CA LEU A 81 -12.37 2.84 10.09
C LEU A 81 -12.68 4.35 10.01
N LEU A 82 -13.53 4.73 9.07
CA LEU A 82 -13.82 6.14 8.82
C LEU A 82 -15.32 6.43 8.81
N ALA A 83 -15.71 7.57 9.36
CA ALA A 83 -17.09 8.03 9.25
C ALA A 83 -17.29 8.71 7.91
N GLU A 84 -18.46 8.52 7.30
CA GLU A 84 -18.88 9.33 6.18
C GLU A 84 -18.96 10.77 6.65
N ILE A 85 -18.39 11.69 5.88
CA ILE A 85 -18.46 13.09 6.26
C ILE A 85 -19.67 13.74 5.59
N THR A 86 -20.24 14.75 6.24
CA THR A 86 -21.54 15.29 5.84
C THR A 86 -21.52 16.79 5.50
N PRO A 87 -20.66 17.23 4.56
CA PRO A 87 -20.70 18.67 4.29
C PRO A 87 -21.93 19.04 3.48
N ASP A 88 -22.54 20.18 3.78
CA ASP A 88 -23.68 20.65 2.97
C ASP A 88 -23.22 21.20 1.61
N LYS A 89 -24.17 21.47 0.73
CA LYS A 89 -23.91 22.02 -0.60
C LYS A 89 -23.04 23.28 -0.54
N ALA A 90 -23.41 24.21 0.35
CA ALA A 90 -22.70 25.48 0.50
C ALA A 90 -21.21 25.28 0.80
N PHE A 91 -20.90 24.33 1.68
CA PHE A 91 -19.51 24.06 1.99
C PHE A 91 -18.80 23.38 0.83
N GLN A 92 -19.44 22.39 0.21
CA GLN A 92 -18.86 21.68 -0.91
C GLN A 92 -18.44 22.64 -2.04
N ASP A 93 -19.28 23.65 -2.28
CA ASP A 93 -19.05 24.66 -3.34
C ASP A 93 -17.81 25.53 -3.12
N LYS A 94 -17.31 25.56 -1.88
CA LYS A 94 -16.11 26.34 -1.56
C LYS A 94 -14.81 25.63 -1.99
N LEU A 95 -14.93 24.36 -2.34
CA LEU A 95 -13.77 23.54 -2.70
C LEU A 95 -13.86 23.10 -4.15
N TYR A 96 -12.72 22.99 -4.82
CA TYR A 96 -12.70 22.52 -6.20
C TYR A 96 -13.36 21.15 -6.34
N PRO A 97 -14.28 21.00 -7.32
CA PRO A 97 -14.96 19.73 -7.55
C PRO A 97 -14.02 18.54 -7.67
N PHE A 98 -12.91 18.71 -8.39
CA PHE A 98 -11.95 17.59 -8.53
C PHE A 98 -11.35 17.11 -7.21
N THR A 99 -11.24 18.00 -6.22
CA THR A 99 -10.75 17.58 -4.91
C THR A 99 -11.71 16.64 -4.17
N TRP A 100 -13.02 16.87 -4.32
CA TRP A 100 -14.05 15.96 -3.78
C TRP A 100 -14.04 14.62 -4.49
N ASP A 101 -13.72 14.62 -5.77
CA ASP A 101 -13.55 13.35 -6.48
C ASP A 101 -12.52 12.43 -5.79
N ALA A 102 -11.38 13.01 -5.38
CA ALA A 102 -10.30 12.24 -4.77
C ALA A 102 -10.70 11.55 -3.46
N VAL A 103 -11.65 12.15 -2.73
CA VAL A 103 -12.04 11.64 -1.42
C VAL A 103 -13.39 10.90 -1.44
N ARG A 104 -13.84 10.51 -2.62
CA ARG A 104 -15.06 9.73 -2.73
C ARG A 104 -14.72 8.26 -2.92
N TYR A 105 -15.29 7.43 -2.04
CA TYR A 105 -15.14 6.01 -2.13
C TYR A 105 -16.51 5.34 -1.98
N ASN A 106 -16.85 4.50 -2.96
CA ASN A 106 -18.14 3.80 -3.04
C ASN A 106 -19.34 4.72 -2.90
N GLY A 107 -19.27 5.86 -3.58
CA GLY A 107 -20.36 6.83 -3.60
C GLY A 107 -20.35 7.81 -2.44
N LYS A 108 -19.59 7.51 -1.40
CA LYS A 108 -19.59 8.31 -0.19
C LYS A 108 -18.34 9.15 -0.02
N LEU A 109 -18.52 10.37 0.46
CA LEU A 109 -17.39 11.22 0.84
C LEU A 109 -16.79 10.72 2.14
N ILE A 110 -15.49 10.42 2.11
CA ILE A 110 -14.84 9.80 3.26
C ILE A 110 -13.73 10.62 3.90
N ALA A 111 -13.53 11.85 3.42
CA ALA A 111 -12.58 12.76 4.02
C ALA A 111 -12.75 14.16 3.44
N TYR A 112 -12.17 15.14 4.11
CA TYR A 112 -12.13 16.51 3.61
C TYR A 112 -10.81 16.73 2.87
N PRO A 113 -10.89 17.16 1.60
CA PRO A 113 -9.67 17.46 0.87
C PRO A 113 -9.11 18.80 1.30
N ILE A 114 -7.78 18.87 1.41
CA ILE A 114 -7.06 20.04 1.93
C ILE A 114 -6.21 20.69 0.82
N ALA A 115 -5.43 19.88 0.10
CA ALA A 115 -4.46 20.42 -0.84
C ALA A 115 -3.93 19.38 -1.83
N VAL A 116 -3.63 19.84 -3.04
CA VAL A 116 -3.08 19.00 -4.10
C VAL A 116 -1.56 19.08 -4.01
N GLU A 117 -0.93 17.91 -3.94
CA GLU A 117 0.52 17.79 -3.84
C GLU A 117 1.06 17.10 -5.09
N ALA A 118 2.05 17.72 -5.74
CA ALA A 118 2.79 17.04 -6.81
C ALA A 118 4.27 17.29 -6.62
N LEU A 119 5.09 16.31 -6.94
CA LEU A 119 6.53 16.48 -6.87
C LEU A 119 7.01 17.42 -7.96
N SER A 120 8.01 18.26 -7.64
CA SER A 120 8.70 19.05 -8.65
C SER A 120 10.21 18.84 -8.63
N LEU A 121 10.88 19.28 -9.69
CA LEU A 121 12.33 19.37 -9.66
C LEU A 121 12.73 20.66 -8.94
N ILE A 122 13.56 20.53 -7.91
CA ILE A 122 14.03 21.67 -7.13
C ILE A 122 15.52 21.82 -7.41
N TYR A 123 15.98 23.02 -7.71
CA TYR A 123 17.37 23.17 -8.11
C TYR A 123 18.06 24.42 -7.56
N ASN A 124 19.38 24.33 -7.42
CA ASN A 124 20.17 25.38 -6.84
C ASN A 124 20.67 26.26 -7.98
N LYS A 125 20.14 27.48 -8.07
CA LYS A 125 20.45 28.40 -9.18
C LYS A 125 21.92 28.84 -9.25
N ASP A 126 22.62 28.77 -8.13
CA ASP A 126 24.03 29.18 -8.10
C ASP A 126 24.92 28.07 -8.62
N LEU A 127 24.56 26.81 -8.35
CA LEU A 127 25.28 25.67 -8.91
C LEU A 127 24.86 25.37 -10.36
N LEU A 128 23.60 25.65 -10.68
CA LEU A 128 23.01 25.21 -11.94
C LEU A 128 22.00 26.25 -12.43
N PRO A 129 22.46 27.26 -13.19
CA PRO A 129 21.54 28.32 -13.62
C PRO A 129 20.44 27.83 -14.58
N ASN A 130 20.70 26.76 -15.33
CA ASN A 130 19.70 26.17 -16.23
C ASN A 130 19.50 24.69 -15.87
N PRO A 131 18.34 24.36 -15.26
CA PRO A 131 18.09 22.95 -14.93
C PRO A 131 17.99 22.08 -16.20
N PRO A 132 18.40 20.80 -16.11
CA PRO A 132 18.36 19.92 -17.29
C PRO A 132 16.93 19.66 -17.78
N LYS A 133 16.74 19.65 -19.09
CA LYS A 133 15.43 19.36 -19.68
C LYS A 133 15.14 17.85 -19.66
N THR A 134 16.20 17.05 -19.63
CA THR A 134 16.05 15.61 -19.77
C THR A 134 16.80 14.87 -18.68
N TRP A 135 16.27 13.71 -18.28
CA TRP A 135 16.96 12.82 -17.35
C TRP A 135 18.29 12.38 -17.89
N GLU A 136 18.34 12.19 -19.21
CA GLU A 136 19.54 11.69 -19.89
C GLU A 136 20.78 12.56 -19.70
N GLU A 137 20.58 13.85 -19.45
CA GLU A 137 21.69 14.80 -19.24
C GLU A 137 22.37 14.68 -17.88
N ILE A 138 21.67 14.07 -16.91
CA ILE A 138 22.14 14.03 -15.54
C ILE A 138 23.51 13.34 -15.33
N PRO A 139 23.77 12.21 -16.01
CA PRO A 139 25.12 11.63 -15.86
C PRO A 139 26.26 12.59 -16.18
N ALA A 140 26.18 13.29 -17.32
CA ALA A 140 27.25 14.25 -17.68
C ALA A 140 27.29 15.42 -16.71
N LEU A 141 26.13 15.91 -16.31
CA LEU A 141 26.04 17.04 -15.39
C LEU A 141 26.69 16.68 -14.05
N ASP A 142 26.49 15.44 -13.62
CA ASP A 142 27.04 14.98 -12.37
C ASP A 142 28.57 14.91 -12.43
N GLY A 143 29.10 14.44 -13.55
CA GLY A 143 30.53 14.53 -13.83
C GLY A 143 31.11 15.91 -13.56
N GLU A 144 30.48 16.95 -14.12
CA GLU A 144 30.92 18.34 -13.90
C GLU A 144 30.84 18.78 -12.44
N LEU A 145 29.73 18.46 -11.78
CA LEU A 145 29.55 18.83 -10.39
C LEU A 145 30.51 18.11 -9.44
N LYS A 146 30.78 16.84 -9.72
CA LYS A 146 31.76 16.07 -8.94
C LYS A 146 33.16 16.71 -9.01
N ALA A 147 33.49 17.28 -10.17
CA ALA A 147 34.77 17.97 -10.39
C ALA A 147 34.98 19.14 -9.42
N LYS A 148 33.89 19.66 -8.85
CA LYS A 148 33.97 20.67 -7.79
C LYS A 148 33.45 20.17 -6.43
N GLY A 149 33.43 18.86 -6.26
CA GLY A 149 33.07 18.24 -4.98
C GLY A 149 31.59 18.28 -4.66
N LYS A 150 30.76 18.48 -5.69
CA LYS A 150 29.29 18.49 -5.56
C LYS A 150 28.70 17.28 -6.29
N SER A 151 27.38 17.13 -6.23
CA SER A 151 26.68 16.13 -7.04
C SER A 151 25.52 16.80 -7.80
N ALA A 152 25.07 16.17 -8.87
CA ALA A 152 23.95 16.73 -9.64
C ALA A 152 22.61 16.59 -8.95
N LEU A 153 22.33 15.40 -8.42
CA LEU A 153 20.97 15.06 -7.98
C LEU A 153 20.93 14.09 -6.79
N MET A 154 20.21 14.47 -5.75
CA MET A 154 19.94 13.59 -4.62
C MET A 154 18.46 13.70 -4.25
N PHE A 155 17.81 12.55 -4.13
CA PHE A 155 16.42 12.52 -3.68
C PHE A 155 16.13 11.17 -3.01
N ASN A 156 15.00 11.09 -2.30
CA ASN A 156 14.64 9.92 -1.53
C ASN A 156 14.41 8.66 -2.37
N LEU A 157 15.41 7.76 -2.37
CA LEU A 157 15.30 6.51 -3.10
C LEU A 157 14.57 5.42 -2.33
N GLN A 158 14.26 5.69 -1.07
CA GLN A 158 13.64 4.69 -0.20
C GLN A 158 12.13 4.64 -0.33
N GLU A 159 11.54 5.70 -0.88
CA GLU A 159 10.09 5.73 -1.05
C GLU A 159 9.73 5.82 -2.54
N PRO A 160 8.91 4.87 -3.03
CA PRO A 160 8.60 4.77 -4.46
C PRO A 160 7.84 5.99 -4.98
N TYR A 161 7.21 6.73 -4.07
CA TYR A 161 6.58 8.00 -4.42
C TYR A 161 7.53 8.88 -5.25
N PHE A 162 8.82 8.88 -4.88
CA PHE A 162 9.78 9.81 -5.45
C PHE A 162 10.40 9.31 -6.75
N THR A 163 10.47 7.99 -6.90
CA THR A 163 11.01 7.37 -8.11
C THR A 163 9.91 7.09 -9.15
N TRP A 164 8.66 7.08 -8.71
CA TRP A 164 7.52 6.84 -9.59
C TRP A 164 7.46 7.72 -10.84
N PRO A 165 7.71 9.04 -10.71
CA PRO A 165 7.63 9.92 -11.88
C PRO A 165 8.50 9.45 -13.05
N LEU A 166 9.69 8.93 -12.75
CA LEU A 166 10.62 8.42 -13.75
C LEU A 166 10.17 7.04 -14.29
N ILE A 167 9.73 6.15 -13.40
CA ILE A 167 9.18 4.85 -13.79
C ILE A 167 7.97 4.99 -14.72
N ALA A 168 7.06 5.91 -14.41
CA ALA A 168 5.88 6.12 -15.23
C ALA A 168 6.16 6.89 -16.52
N ALA A 169 7.29 7.59 -16.59
CA ALA A 169 7.56 8.50 -17.72
C ALA A 169 7.29 7.85 -19.08
N ASP A 170 7.87 6.69 -19.32
CA ASP A 170 7.82 6.07 -20.64
C ASP A 170 6.71 5.00 -20.72
N GLY A 171 5.86 4.89 -19.70
CA GLY A 171 4.67 4.04 -19.83
C GLY A 171 4.24 3.17 -18.66
N GLY A 172 4.96 3.22 -17.54
CA GLY A 172 4.51 2.50 -16.34
C GLY A 172 3.20 3.07 -15.79
N TYR A 173 2.36 2.21 -15.21
CA TYR A 173 1.16 2.63 -14.48
C TYR A 173 0.81 1.67 -13.32
N ALA A 174 -0.02 2.15 -12.39
CA ALA A 174 -0.47 1.30 -11.28
C ALA A 174 -1.60 0.36 -11.73
N PHE A 175 -2.84 0.86 -11.72
CA PHE A 175 -4.02 0.12 -12.18
C PHE A 175 -4.73 0.91 -13.26
N LYS A 176 -5.11 0.21 -14.34
CA LYS A 176 -5.75 0.87 -15.47
C LYS A 176 -7.15 1.37 -15.09
N TYR A 177 -7.41 2.64 -15.41
CA TYR A 177 -8.71 3.25 -15.20
C TYR A 177 -9.41 3.35 -16.55
N GLU A 178 -10.56 2.69 -16.68
CA GLU A 178 -11.33 2.66 -17.93
C GLU A 178 -12.81 2.47 -17.64
N ASN A 179 -13.65 3.19 -18.41
CA ASN A 179 -15.10 3.07 -18.27
C ASN A 179 -15.53 3.23 -16.81
N GLY A 180 -15.04 4.28 -16.16
CA GLY A 180 -15.43 4.61 -14.78
C GLY A 180 -14.90 3.72 -13.67
N LYS A 181 -13.96 2.82 -13.98
CA LYS A 181 -13.45 1.90 -12.96
C LYS A 181 -11.97 1.56 -13.10
N TYR A 182 -11.33 1.31 -11.95
CA TYR A 182 -9.99 0.74 -11.97
C TYR A 182 -10.09 -0.78 -12.16
N ASP A 183 -9.25 -1.32 -13.04
CA ASP A 183 -9.16 -2.77 -13.22
C ASP A 183 -7.92 -3.27 -12.47
N ILE A 184 -8.11 -3.81 -11.27
CA ILE A 184 -6.95 -4.26 -10.47
C ILE A 184 -6.25 -5.50 -11.01
N LYS A 185 -6.83 -6.13 -12.03
CA LYS A 185 -6.13 -7.19 -12.75
C LYS A 185 -5.13 -6.61 -13.75
N ASP A 186 -5.34 -5.36 -14.15
CA ASP A 186 -4.50 -4.70 -15.15
C ASP A 186 -3.49 -3.78 -14.46
N VAL A 187 -2.31 -4.33 -14.21
CA VAL A 187 -1.27 -3.64 -13.46
C VAL A 187 -0.17 -3.34 -14.45
N GLY A 188 0.42 -2.14 -14.36
CA GLY A 188 1.40 -1.72 -15.36
C GLY A 188 2.80 -1.54 -14.79
N VAL A 189 3.13 -2.35 -13.80
CA VAL A 189 4.39 -2.22 -13.09
C VAL A 189 5.56 -2.87 -13.84
N ASP A 190 5.29 -3.84 -14.71
CA ASP A 190 6.37 -4.50 -15.45
C ASP A 190 6.25 -4.39 -16.97
N ASN A 191 5.73 -3.27 -17.45
CA ASN A 191 5.76 -3.03 -18.88
C ASN A 191 7.09 -2.41 -19.31
N ALA A 192 7.23 -2.20 -20.61
CA ALA A 192 8.49 -1.73 -21.19
C ALA A 192 8.89 -0.37 -20.62
N GLY A 193 7.92 0.52 -20.45
CA GLY A 193 8.20 1.87 -19.94
C GLY A 193 8.73 1.83 -18.52
N ALA A 194 8.08 1.03 -17.67
CA ALA A 194 8.49 0.87 -16.28
C ALA A 194 9.90 0.30 -16.19
N LYS A 195 10.18 -0.72 -17.01
CA LYS A 195 11.50 -1.34 -17.06
C LYS A 195 12.54 -0.34 -17.50
N ALA A 196 12.23 0.45 -18.54
CA ALA A 196 13.16 1.47 -19.02
C ALA A 196 13.46 2.53 -17.95
N GLY A 197 12.43 3.04 -17.28
CA GLY A 197 12.62 4.00 -16.18
C GLY A 197 13.46 3.44 -15.03
N LEU A 198 13.10 2.26 -14.54
CA LEU A 198 13.83 1.66 -13.43
C LEU A 198 15.27 1.30 -13.81
N THR A 199 15.46 0.87 -15.05
CA THR A 199 16.80 0.59 -15.57
C THR A 199 17.66 1.84 -15.55
N PHE A 200 17.10 2.96 -15.98
CA PHE A 200 17.83 4.22 -15.95
C PHE A 200 18.22 4.60 -14.52
N LEU A 201 17.31 4.40 -13.58
CA LEU A 201 17.59 4.69 -12.17
C LEU A 201 18.75 3.82 -11.65
N VAL A 202 18.66 2.52 -11.85
CA VAL A 202 19.75 1.58 -11.52
C VAL A 202 21.08 1.91 -12.20
N ASP A 203 21.05 2.31 -13.47
CA ASP A 203 22.26 2.77 -14.15
C ASP A 203 22.91 3.98 -13.47
N LEU A 204 22.09 4.93 -13.01
CA LEU A 204 22.59 6.08 -12.24
C LEU A 204 23.35 5.65 -10.99
N ILE A 205 22.82 4.64 -10.32
CA ILE A 205 23.40 4.12 -9.09
C ILE A 205 24.67 3.33 -9.41
N LYS A 206 24.59 2.44 -10.40
CA LYS A 206 25.78 1.72 -10.88
C LYS A 206 26.94 2.64 -11.23
N ASN A 207 26.64 3.76 -11.87
CA ASN A 207 27.67 4.74 -12.23
C ASN A 207 27.98 5.77 -11.15
N LYS A 208 27.50 5.51 -9.93
CA LYS A 208 27.75 6.37 -8.76
C LYS A 208 27.23 7.80 -8.88
N HIS A 209 26.25 8.04 -9.76
CA HIS A 209 25.61 9.34 -9.83
C HIS A 209 24.59 9.51 -8.73
N MET A 210 24.17 8.39 -8.14
CA MET A 210 23.35 8.38 -6.92
C MET A 210 23.73 7.16 -6.08
N ASN A 211 23.40 7.20 -4.80
CA ASN A 211 23.67 6.09 -3.90
C ASN A 211 22.36 5.44 -3.48
N ALA A 212 22.33 4.11 -3.51
CA ALA A 212 21.12 3.36 -3.19
C ALA A 212 20.55 3.63 -1.79
N ASP A 213 21.39 4.11 -0.87
CA ASP A 213 20.99 4.34 0.52
C ASP A 213 20.45 5.77 0.79
N THR A 214 20.43 6.62 -0.24
CA THR A 214 19.97 8.00 -0.03
C THR A 214 18.48 8.01 0.36
N ASP A 215 18.18 8.64 1.49
CA ASP A 215 16.81 8.69 2.00
C ASP A 215 16.36 10.15 2.07
N TYR A 216 15.20 10.39 2.68
CA TYR A 216 14.62 11.74 2.69
C TYR A 216 15.56 12.76 3.35
N SER A 217 16.04 12.42 4.55
CA SER A 217 16.84 13.35 5.34
C SER A 217 18.21 13.59 4.73
N ILE A 218 18.80 12.56 4.12
CA ILE A 218 20.12 12.69 3.51
C ILE A 218 20.05 13.67 2.33
N ALA A 219 19.06 13.48 1.46
CA ALA A 219 18.89 14.35 0.29
C ALA A 219 18.51 15.79 0.69
N GLU A 220 17.58 15.93 1.64
CA GLU A 220 17.16 17.26 2.11
C GLU A 220 18.37 18.01 2.69
N ALA A 221 19.13 17.35 3.56
CA ALA A 221 20.32 17.99 4.14
C ALA A 221 21.32 18.37 3.06
N ALA A 222 21.56 17.45 2.13
CA ALA A 222 22.48 17.72 1.02
C ALA A 222 22.09 18.94 0.20
N PHE A 223 20.82 18.99 -0.23
CA PHE A 223 20.36 20.14 -1.01
C PHE A 223 20.43 21.43 -0.19
N ASN A 224 19.93 21.38 1.04
CA ASN A 224 19.91 22.58 1.89
C ASN A 224 21.30 23.10 2.29
N LYS A 225 22.31 22.23 2.22
CA LYS A 225 23.68 22.63 2.54
C LYS A 225 24.47 23.03 1.30
N GLY A 226 23.83 23.01 0.14
CA GLY A 226 24.48 23.39 -1.11
C GLY A 226 25.43 22.34 -1.66
N GLU A 227 25.25 21.09 -1.27
CA GLU A 227 26.13 19.99 -1.69
C GLU A 227 25.68 19.31 -3.00
N THR A 228 24.39 19.42 -3.30
CA THR A 228 23.83 18.84 -4.52
C THR A 228 23.02 19.88 -5.29
N ALA A 229 23.05 19.80 -6.61
CA ALA A 229 22.46 20.84 -7.42
C ALA A 229 20.94 20.73 -7.53
N MET A 230 20.41 19.52 -7.34
CA MET A 230 18.98 19.27 -7.55
C MET A 230 18.47 18.25 -6.58
N THR A 231 17.18 18.39 -6.24
CA THR A 231 16.47 17.35 -5.51
C THR A 231 15.06 17.24 -6.11
N ILE A 232 14.29 16.25 -5.65
CA ILE A 232 12.92 16.07 -6.07
C ILE A 232 12.08 16.00 -4.80
N ASN A 233 11.16 16.95 -4.67
CA ASN A 233 10.37 17.01 -3.44
C ASN A 233 9.09 17.81 -3.65
N GLY A 234 8.23 17.80 -2.65
CA GLY A 234 6.94 18.48 -2.71
C GLY A 234 6.99 19.85 -2.07
N PRO A 235 5.86 20.58 -2.11
CA PRO A 235 5.83 21.95 -1.59
C PRO A 235 6.22 22.09 -0.11
N TRP A 236 5.97 21.05 0.69
CA TRP A 236 6.27 21.08 2.12
C TRP A 236 7.73 21.27 2.40
N ALA A 237 8.56 20.95 1.41
CA ALA A 237 10.01 21.10 1.52
C ALA A 237 10.52 22.53 1.36
N TRP A 238 9.72 23.44 0.80
CA TRP A 238 10.24 24.79 0.49
C TRP A 238 10.62 25.62 1.68
N SER A 239 9.93 25.42 2.80
CA SER A 239 10.20 26.13 4.06
C SER A 239 11.64 25.98 4.53
N ASN A 240 12.11 24.73 4.60
CA ASN A 240 13.48 24.47 5.04
C ASN A 240 14.50 25.03 4.09
N ILE A 241 14.18 25.02 2.78
CA ILE A 241 15.07 25.60 1.79
C ILE A 241 15.15 27.12 1.98
N ASP A 242 14.02 27.77 2.25
CA ASP A 242 14.01 29.22 2.57
C ASP A 242 14.97 29.56 3.72
N THR A 243 14.88 28.80 4.81
CA THR A 243 15.73 28.95 6.00
C THR A 243 17.22 28.76 5.68
N SER A 244 17.52 27.80 4.80
CA SER A 244 18.90 27.49 4.44
C SER A 244 19.58 28.59 3.61
N LYS A 245 18.76 29.49 3.06
CA LYS A 245 19.23 30.59 2.18
C LYS A 245 19.75 30.13 0.80
N VAL A 246 19.50 28.88 0.41
CA VAL A 246 19.90 28.42 -0.93
C VAL A 246 19.07 29.18 -1.96
N ASN A 247 19.71 29.70 -3.01
CA ASN A 247 18.96 30.36 -4.07
C ASN A 247 18.37 29.31 -5.02
N TYR A 248 17.13 28.91 -4.77
CA TYR A 248 16.54 27.76 -5.47
C TYR A 248 15.45 28.12 -6.47
N GLY A 249 15.20 27.22 -7.42
CA GLY A 249 14.01 27.27 -8.29
C GLY A 249 13.21 25.98 -8.19
N VAL A 250 11.92 26.07 -8.51
CA VAL A 250 11.02 24.91 -8.55
C VAL A 250 10.53 24.83 -9.99
N THR A 251 10.80 23.71 -10.64
CA THR A 251 10.57 23.62 -12.08
C THR A 251 9.96 22.29 -12.53
N VAL A 252 9.67 22.17 -13.82
CA VAL A 252 9.09 20.96 -14.39
C VAL A 252 10.15 19.86 -14.31
N LEU A 253 9.72 18.66 -13.90
CA LEU A 253 10.60 17.49 -13.91
C LEU A 253 11.14 17.27 -15.33
N PRO A 254 12.35 16.70 -15.45
CA PRO A 254 12.89 16.46 -16.79
C PRO A 254 12.14 15.34 -17.52
N THR A 255 12.26 15.30 -18.83
CA THR A 255 11.71 14.20 -19.61
C THR A 255 12.63 12.97 -19.59
N PHE A 256 12.06 11.81 -19.92
CA PHE A 256 12.84 10.59 -20.06
C PHE A 256 12.41 9.94 -21.37
N LYS A 257 13.38 9.69 -22.25
CA LYS A 257 13.12 9.24 -23.63
C LYS A 257 12.10 10.14 -24.32
N GLY A 258 12.20 11.45 -24.05
CA GLY A 258 11.33 12.43 -24.66
C GLY A 258 9.98 12.59 -23.97
N GLN A 259 9.71 11.78 -22.94
CA GLN A 259 8.38 11.77 -22.32
C GLN A 259 8.40 12.47 -20.96
N PRO A 260 7.40 13.35 -20.69
CA PRO A 260 7.37 13.98 -19.37
C PRO A 260 7.37 12.97 -18.23
N SER A 261 8.02 13.32 -17.12
CA SER A 261 7.89 12.53 -15.90
C SER A 261 6.46 12.65 -15.41
N LYS A 262 5.94 11.58 -14.82
CA LYS A 262 4.52 11.50 -14.54
C LYS A 262 4.29 11.19 -13.06
N PRO A 263 4.37 12.22 -12.19
CA PRO A 263 4.18 11.89 -10.76
C PRO A 263 2.76 11.44 -10.42
N PHE A 264 2.65 10.62 -9.38
CA PHE A 264 1.36 10.31 -8.81
C PHE A 264 0.97 11.48 -7.93
N VAL A 265 -0.23 12.00 -8.13
CA VAL A 265 -0.64 13.22 -7.46
C VAL A 265 -1.46 12.88 -6.23
N GLY A 266 -1.10 13.46 -5.10
CA GLY A 266 -1.80 13.22 -3.84
C GLY A 266 -2.65 14.41 -3.47
N VAL A 267 -3.83 14.13 -2.89
CA VAL A 267 -4.62 15.19 -2.30
C VAL A 267 -4.57 14.94 -0.79
N LEU A 268 -3.83 15.78 -0.09
CA LEU A 268 -3.81 15.77 1.36
C LEU A 268 -5.25 15.93 1.86
N SER A 269 -5.68 15.00 2.71
CA SER A 269 -7.06 14.88 3.10
C SER A 269 -7.14 14.62 4.62
N ALA A 270 -8.26 14.97 5.22
CA ALA A 270 -8.46 14.77 6.65
C ALA A 270 -9.67 13.89 6.85
N GLY A 271 -9.47 12.69 7.40
CA GLY A 271 -10.59 11.78 7.65
C GLY A 271 -10.96 11.77 9.11
N ILE A 272 -12.18 11.34 9.42
CA ILE A 272 -12.68 11.25 10.80
C ILE A 272 -12.84 9.79 11.23
N ASN A 273 -12.15 9.43 12.32
CA ASN A 273 -12.21 8.08 12.88
C ASN A 273 -13.64 7.67 13.15
N ALA A 274 -14.04 6.50 12.65
CA ALA A 274 -15.39 5.97 12.83
C ALA A 274 -15.74 5.72 14.31
N ALA A 275 -14.72 5.52 15.13
CA ALA A 275 -14.91 5.22 16.54
C ALA A 275 -14.77 6.47 17.41
N SER A 276 -14.62 7.64 16.79
CA SER A 276 -14.47 8.89 17.56
C SER A 276 -15.79 9.29 18.20
N PRO A 277 -15.76 9.62 19.50
CA PRO A 277 -16.96 10.19 20.13
C PRO A 277 -17.05 11.71 19.92
N ASN A 278 -16.24 12.24 19.00
CA ASN A 278 -16.16 13.67 18.75
C ASN A 278 -16.29 14.04 17.28
N LYS A 279 -17.12 13.30 16.55
CA LYS A 279 -17.31 13.50 15.11
C LYS A 279 -17.85 14.88 14.78
N GLU A 280 -18.73 15.39 15.65
CA GLU A 280 -19.36 16.69 15.44
C GLU A 280 -18.37 17.82 15.66
N LEU A 281 -17.49 17.65 16.65
CA LEU A 281 -16.43 18.60 16.92
C LEU A 281 -15.37 18.58 15.82
N ALA A 282 -15.06 17.38 15.33
CA ALA A 282 -14.13 17.21 14.20
C ALA A 282 -14.63 17.96 12.98
N LYS A 283 -15.90 17.75 12.66
CA LYS A 283 -16.57 18.45 11.55
C LYS A 283 -16.48 19.97 11.68
N GLU A 284 -16.76 20.49 12.89
CA GLU A 284 -16.62 21.92 13.17
C GLU A 284 -15.20 22.40 12.92
N PHE A 285 -14.23 21.67 13.46
CA PHE A 285 -12.84 22.08 13.34
C PHE A 285 -12.40 22.16 11.88
N LEU A 286 -12.73 21.13 11.11
CA LEU A 286 -12.27 21.02 9.73
C LEU A 286 -13.00 22.00 8.81
N GLU A 287 -14.31 22.11 8.94
CA GLU A 287 -15.09 22.96 8.05
C GLU A 287 -14.92 24.44 8.40
N ASN A 288 -14.82 24.77 9.68
CA ASN A 288 -14.98 26.17 10.10
C ASN A 288 -13.71 26.82 10.67
N TYR A 289 -12.67 26.02 10.87
CA TYR A 289 -11.42 26.52 11.37
C TYR A 289 -10.26 26.24 10.40
N LEU A 290 -10.09 24.98 10.01
CA LEU A 290 -9.00 24.62 9.11
C LEU A 290 -9.26 25.10 7.70
N LEU A 291 -10.39 24.70 7.12
CA LEU A 291 -10.69 25.02 5.72
C LEU A 291 -11.26 26.43 5.58
N THR A 292 -10.48 27.41 6.02
CA THR A 292 -10.75 28.82 5.84
C THR A 292 -9.45 29.45 5.38
N ASP A 293 -9.53 30.67 4.85
CA ASP A 293 -8.34 31.41 4.44
C ASP A 293 -7.33 31.50 5.59
N GLU A 294 -7.83 31.79 6.79
CA GLU A 294 -7.00 31.97 7.97
C GLU A 294 -6.37 30.67 8.43
N GLY A 295 -7.16 29.60 8.42
CA GLY A 295 -6.70 28.30 8.89
C GLY A 295 -5.62 27.74 7.99
N LEU A 296 -5.86 27.78 6.68
CA LEU A 296 -4.89 27.26 5.70
C LEU A 296 -3.60 28.09 5.69
N GLU A 297 -3.73 29.40 5.84
CA GLU A 297 -2.57 30.29 5.93
C GLU A 297 -1.66 29.92 7.11
N ALA A 298 -2.26 29.55 8.24
CA ALA A 298 -1.49 29.16 9.42
C ALA A 298 -0.65 27.92 9.12
N VAL A 299 -1.28 26.92 8.50
CA VAL A 299 -0.56 25.70 8.15
C VAL A 299 0.47 25.98 7.03
N ASN A 300 0.03 26.69 5.99
CA ASN A 300 0.89 26.99 4.83
C ASN A 300 2.17 27.73 5.20
N LYS A 301 2.03 28.70 6.13
CA LYS A 301 3.17 29.52 6.58
C LYS A 301 4.20 28.69 7.33
N ASP A 302 3.75 27.58 7.93
CA ASP A 302 4.64 26.63 8.61
C ASP A 302 5.34 25.77 7.55
N LYS A 303 4.59 24.86 6.91
CA LYS A 303 5.08 24.13 5.73
C LYS A 303 4.08 24.29 4.59
N PRO A 304 4.54 24.71 3.40
CA PRO A 304 3.56 24.95 2.32
C PRO A 304 2.75 23.72 1.95
N LEU A 305 1.45 23.92 1.73
CA LEU A 305 0.52 22.84 1.46
C LEU A 305 0.51 22.38 0.01
N GLY A 306 0.94 23.25 -0.90
CA GLY A 306 0.71 23.02 -2.35
C GLY A 306 -0.49 23.83 -2.81
N ALA A 307 -1.19 23.32 -3.83
CA ALA A 307 -2.36 24.01 -4.36
C ALA A 307 -3.61 23.64 -3.54
N VAL A 308 -4.08 24.57 -2.72
CA VAL A 308 -5.11 24.24 -1.74
C VAL A 308 -6.47 23.99 -2.38
N ALA A 309 -7.28 23.21 -1.70
CA ALA A 309 -8.58 22.82 -2.20
C ALA A 309 -9.62 23.95 -2.06
N LEU A 310 -9.37 24.89 -1.16
CA LEU A 310 -10.28 25.99 -0.91
C LEU A 310 -10.08 27.09 -1.96
N LYS A 311 -11.10 27.30 -2.80
CA LYS A 311 -10.99 28.21 -3.95
C LYS A 311 -10.50 29.61 -3.59
N SER A 312 -11.09 30.18 -2.55
CA SER A 312 -10.77 31.55 -2.13
C SER A 312 -9.30 31.73 -1.74
N TYR A 313 -8.74 30.76 -1.05
CA TYR A 313 -7.33 30.88 -0.69
C TYR A 313 -6.39 30.52 -1.85
N GLU A 314 -6.77 29.51 -2.66
CA GLU A 314 -5.95 29.12 -3.82
C GLU A 314 -5.78 30.27 -4.82
N GLU A 315 -6.83 31.09 -4.95
CA GLU A 315 -6.72 32.28 -5.79
C GLU A 315 -5.50 33.14 -5.43
N GLU A 316 -5.17 33.22 -4.14
CA GLU A 316 -3.92 33.87 -3.73
C GLU A 316 -2.66 33.02 -3.99
N LEU A 317 -2.69 31.77 -3.56
CA LEU A 317 -1.52 30.89 -3.68
C LEU A 317 -1.13 30.62 -5.14
N ALA A 318 -2.11 30.58 -6.04
CA ALA A 318 -1.83 30.29 -7.46
C ALA A 318 -0.97 31.36 -8.13
N LYS A 319 -0.85 32.53 -7.50
CA LYS A 319 0.03 33.60 -7.99
C LYS A 319 1.52 33.24 -7.91
N ASP A 320 1.86 32.34 -6.99
CA ASP A 320 3.23 31.88 -6.72
C ASP A 320 3.76 31.02 -7.88
N PRO A 321 4.88 31.44 -8.51
CA PRO A 321 5.52 30.63 -9.56
C PRO A 321 5.75 29.18 -9.16
N ARG A 322 6.04 28.95 -7.88
CA ARG A 322 6.30 27.58 -7.40
C ARG A 322 5.03 26.72 -7.41
N ILE A 323 3.87 27.34 -7.14
CA ILE A 323 2.59 26.63 -7.25
C ILE A 323 2.27 26.34 -8.72
N ALA A 324 2.59 27.29 -9.60
CA ALA A 324 2.44 27.06 -11.05
C ALA A 324 3.27 25.85 -11.52
N ALA A 325 4.47 25.72 -10.96
CA ALA A 325 5.35 24.59 -11.29
C ALA A 325 4.79 23.28 -10.72
N THR A 326 4.28 23.35 -9.49
CA THR A 326 3.63 22.20 -8.85
C THR A 326 2.47 21.68 -9.71
N MET A 327 1.59 22.60 -10.12
CA MET A 327 0.42 22.21 -10.92
C MET A 327 0.78 21.72 -12.32
N GLU A 328 1.87 22.27 -12.87
CA GLU A 328 2.33 21.84 -14.19
C GLU A 328 2.76 20.38 -14.15
N ASN A 329 3.53 20.02 -13.10
CA ASN A 329 3.92 18.63 -12.90
C ASN A 329 2.74 17.72 -12.60
N ALA A 330 1.79 18.23 -11.82
CA ALA A 330 0.56 17.48 -11.56
C ALA A 330 -0.15 17.10 -12.87
N GLN A 331 -0.19 18.05 -13.80
CA GLN A 331 -0.94 17.90 -15.06
C GLN A 331 -0.35 16.85 -15.99
N LYS A 332 0.92 16.55 -15.80
CA LYS A 332 1.59 15.50 -16.54
C LYS A 332 1.42 14.15 -15.84
N GLY A 333 1.16 14.17 -14.53
CA GLY A 333 0.96 12.95 -13.78
C GLY A 333 -0.49 12.53 -13.74
N GLU A 334 -0.86 11.88 -12.65
CA GLU A 334 -2.21 11.36 -12.50
C GLU A 334 -2.57 11.29 -11.02
N ILE A 335 -3.83 11.62 -10.72
CA ILE A 335 -4.42 11.44 -9.40
C ILE A 335 -4.21 9.98 -8.98
N MET A 336 -3.74 9.77 -7.76
CA MET A 336 -3.61 8.41 -7.25
C MET A 336 -4.97 7.76 -7.14
N PRO A 337 -5.04 6.46 -7.42
CA PRO A 337 -6.26 5.75 -7.03
C PRO A 337 -6.41 5.78 -5.50
N ASN A 338 -7.66 5.69 -5.02
CA ASN A 338 -7.88 5.58 -3.58
C ASN A 338 -8.32 4.18 -3.15
N ILE A 339 -8.32 3.24 -4.10
CA ILE A 339 -8.83 1.90 -3.87
C ILE A 339 -8.01 1.16 -2.81
N PRO A 340 -8.63 0.20 -2.09
CA PRO A 340 -7.90 -0.53 -1.04
C PRO A 340 -6.60 -1.15 -1.53
N GLN A 341 -6.57 -1.58 -2.79
CA GLN A 341 -5.36 -2.22 -3.35
C GLN A 341 -4.12 -1.31 -3.38
N MET A 342 -4.32 -0.01 -3.22
CA MET A 342 -3.18 0.94 -3.30
C MET A 342 -2.04 0.59 -2.37
N SER A 343 -2.37 0.14 -1.17
CA SER A 343 -1.38 -0.21 -0.15
C SER A 343 -0.42 -1.33 -0.65
N ALA A 344 -1.01 -2.33 -1.29
CA ALA A 344 -0.27 -3.47 -1.84
C ALA A 344 0.63 -3.01 -3.00
N PHE A 345 0.12 -2.11 -3.83
CA PHE A 345 0.90 -1.53 -4.94
C PHE A 345 2.16 -0.81 -4.44
N TRP A 346 2.01 0.08 -3.47
CA TRP A 346 3.13 0.84 -2.94
C TRP A 346 4.20 -0.04 -2.33
N TYR A 347 3.75 -1.00 -1.54
CA TYR A 347 4.64 -1.99 -0.92
C TYR A 347 5.41 -2.79 -1.99
N ALA A 348 4.71 -3.25 -3.02
CA ALA A 348 5.34 -4.00 -4.11
C ALA A 348 6.38 -3.16 -4.85
N VAL A 349 6.04 -1.91 -5.15
CA VAL A 349 6.96 -1.04 -5.88
C VAL A 349 8.16 -0.64 -5.00
N ARG A 350 7.92 -0.38 -3.71
CA ARG A 350 9.01 -0.05 -2.80
CA ARG A 350 8.99 -0.06 -2.76
C ARG A 350 10.04 -1.17 -2.78
N THR A 351 9.58 -2.40 -2.65
CA THR A 351 10.41 -3.60 -2.65
C THR A 351 11.19 -3.72 -3.97
N ALA A 352 10.51 -3.50 -5.08
CA ALA A 352 11.16 -3.59 -6.39
C ALA A 352 12.29 -2.57 -6.56
N VAL A 353 12.07 -1.33 -6.14
CA VAL A 353 13.06 -0.29 -6.31
C VAL A 353 14.28 -0.54 -5.40
N ILE A 354 14.01 -0.91 -4.15
CA ILE A 354 15.06 -1.24 -3.19
C ILE A 354 15.92 -2.42 -3.67
N ASN A 355 15.27 -3.48 -4.16
CA ASN A 355 15.99 -4.67 -4.62
C ASN A 355 16.75 -4.46 -5.92
N ALA A 356 16.19 -3.65 -6.82
CA ALA A 356 16.88 -3.31 -8.04
C ALA A 356 18.06 -2.40 -7.75
N ALA A 357 17.85 -1.39 -6.92
CA ALA A 357 18.88 -0.38 -6.61
C ALA A 357 20.08 -0.93 -5.85
N SER A 358 19.88 -2.01 -5.10
CA SER A 358 20.91 -2.59 -4.26
C SER A 358 21.59 -3.73 -4.98
N GLY A 359 20.96 -4.22 -6.05
CA GLY A 359 21.50 -5.32 -6.82
C GLY A 359 21.03 -6.71 -6.42
N ARG A 360 20.19 -6.79 -5.39
CA ARG A 360 19.58 -8.07 -4.99
C ARG A 360 18.85 -8.76 -6.14
N GLN A 361 18.15 -7.96 -6.95
CA GLN A 361 17.44 -8.47 -8.12
C GLN A 361 17.78 -7.61 -9.31
N THR A 362 17.69 -8.20 -10.51
CA THR A 362 17.75 -7.42 -11.73
C THR A 362 16.42 -6.66 -11.87
N VAL A 363 16.39 -5.65 -12.73
CA VAL A 363 15.16 -4.87 -12.95
C VAL A 363 14.01 -5.77 -13.38
N ASP A 364 14.28 -6.69 -14.32
CA ASP A 364 13.29 -7.66 -14.77
C ASP A 364 12.71 -8.53 -13.66
N GLU A 365 13.59 -9.03 -12.78
CA GLU A 365 13.17 -9.87 -11.66
C GLU A 365 12.32 -9.06 -10.69
N ALA A 366 12.83 -7.89 -10.31
CA ALA A 366 12.17 -7.01 -9.35
C ALA A 366 10.75 -6.62 -9.75
N LEU A 367 10.61 -6.19 -11.00
CA LEU A 367 9.33 -5.73 -11.51
C LEU A 367 8.37 -6.87 -11.82
N LYS A 368 8.92 -8.03 -12.19
CA LYS A 368 8.11 -9.24 -12.31
C LYS A 368 7.41 -9.57 -10.98
N ASP A 369 8.17 -9.61 -9.90
CA ASP A 369 7.58 -9.83 -8.56
C ASP A 369 6.59 -8.73 -8.17
N ALA A 370 6.97 -7.48 -8.44
CA ALA A 370 6.14 -6.32 -8.09
C ALA A 370 4.80 -6.40 -8.80
N GLN A 371 4.85 -6.79 -10.08
CA GLN A 371 3.65 -7.00 -10.87
C GLN A 371 2.70 -7.98 -10.19
N THR A 372 3.22 -9.11 -9.74
CA THR A 372 2.44 -10.13 -9.04
C THR A 372 1.87 -9.58 -7.72
N ASN A 373 2.75 -9.02 -6.90
CA ASN A 373 2.40 -8.55 -5.57
C ASN A 373 1.41 -7.36 -5.58
N ALA A 374 1.57 -6.45 -6.53
CA ALA A 374 0.72 -5.26 -6.61
C ALA A 374 -0.77 -5.60 -6.84
N GLY A 375 -1.03 -6.64 -7.63
CA GLY A 375 -2.41 -7.06 -7.91
C GLY A 375 -2.93 -8.20 -7.05
N ALA A 376 -2.10 -8.73 -6.15
CA ALA A 376 -2.53 -9.83 -5.29
C ALA A 376 -3.44 -9.30 -4.17
N ILE A 377 -4.71 -9.71 -4.18
CA ILE A 377 -5.67 -9.26 -3.17
C ILE A 377 -5.45 -10.02 -1.85
N VAL A 378 -5.36 -9.27 -0.76
CA VAL A 378 -5.15 -9.84 0.56
C VAL A 378 -6.31 -9.41 1.42
N THR A 379 -7.00 -10.37 2.03
CA THR A 379 -8.13 -10.06 2.88
C THR A 379 -8.11 -10.77 4.25
N PRO A 380 -8.53 -10.07 5.31
CA PRO A 380 -8.51 -10.69 6.64
C PRO A 380 -9.60 -11.74 6.85
N TYR A 381 -9.24 -12.80 7.58
CA TYR A 381 -10.20 -13.77 8.09
C TYR A 381 -9.91 -14.00 9.56
N THR A 382 -10.91 -14.49 10.28
CA THR A 382 -10.75 -14.93 11.65
C THR A 382 -11.05 -16.43 11.71
N ILE A 383 -10.16 -17.20 12.33
CA ILE A 383 -10.36 -18.65 12.45
C ILE A 383 -11.32 -18.93 13.59
N LYS A 384 -12.25 -19.87 13.39
CA LYS A 384 -13.09 -20.38 14.46
C LYS A 384 -13.05 -21.91 14.46
N GLY A 385 -12.54 -22.50 15.53
CA GLY A 385 -12.54 -23.96 15.68
C GLY A 385 -11.14 -24.50 15.91
N GLU A 386 -11.04 -25.81 16.11
CA GLU A 386 -9.83 -26.47 16.58
C GLU A 386 -9.16 -27.33 15.51
N SER A 387 -9.80 -27.50 14.35
CA SER A 387 -9.31 -28.52 13.41
C SER A 387 -7.96 -28.24 12.76
N MET A 388 -7.46 -27.01 12.89
CA MET A 388 -6.13 -26.65 12.36
C MET A 388 -5.09 -26.45 13.46
N ASP A 389 -5.52 -26.66 14.70
CA ASP A 389 -4.65 -26.46 15.86
C ASP A 389 -3.50 -27.50 15.86
N PRO A 390 -2.26 -27.05 16.17
CA PRO A 390 -1.86 -25.72 16.63
C PRO A 390 -1.45 -24.75 15.53
N THR A 391 -1.43 -25.21 14.27
CA THR A 391 -1.03 -24.35 13.16
C THR A 391 -1.83 -23.03 13.15
N LEU A 392 -3.14 -23.14 13.27
CA LEU A 392 -4.00 -21.98 13.46
C LEU A 392 -4.87 -22.29 14.66
N LYS A 393 -5.07 -21.28 15.51
CA LYS A 393 -5.82 -21.44 16.75
C LYS A 393 -7.19 -20.81 16.65
N ASP A 394 -8.11 -21.24 17.51
CA ASP A 394 -9.42 -20.64 17.59
C ASP A 394 -9.31 -19.14 17.91
N GLY A 395 -9.93 -18.31 17.07
CA GLY A 395 -9.86 -16.86 17.26
C GLY A 395 -8.76 -16.15 16.49
N GLU A 396 -7.81 -16.92 15.95
CA GLU A 396 -6.65 -16.34 15.28
C GLU A 396 -7.05 -15.48 14.07
N ARG A 397 -6.48 -14.27 14.00
CA ARG A 397 -6.62 -13.39 12.83
C ARG A 397 -5.57 -13.79 11.79
N VAL A 398 -5.99 -13.91 10.53
CA VAL A 398 -5.07 -14.29 9.47
C VAL A 398 -5.26 -13.42 8.22
N ALA A 399 -4.27 -13.44 7.35
CA ALA A 399 -4.35 -12.77 6.06
C ALA A 399 -4.52 -13.85 5.00
N VAL A 400 -5.48 -13.64 4.10
CA VAL A 400 -5.76 -14.61 3.05
C VAL A 400 -5.48 -14.03 1.67
N ASN A 401 -4.56 -14.64 0.94
CA ASN A 401 -4.25 -14.24 -0.42
C ASN A 401 -5.28 -14.84 -1.35
N ILE A 402 -6.14 -13.99 -1.90
CA ILE A 402 -7.23 -14.41 -2.78
C ILE A 402 -6.68 -15.08 -4.03
N VAL A 403 -7.24 -16.24 -4.35
CA VAL A 403 -6.80 -16.98 -5.53
C VAL A 403 -7.73 -16.66 -6.70
N GLY A 404 -7.14 -16.24 -7.81
CA GLY A 404 -7.88 -15.90 -9.01
C GLY A 404 -8.61 -17.10 -9.60
N TYR A 405 -9.72 -16.83 -10.28
CA TYR A 405 -10.52 -17.84 -10.92
C TYR A 405 -9.74 -18.67 -11.94
N LYS A 406 -9.74 -19.98 -11.73
CA LYS A 406 -9.07 -20.97 -12.61
C LYS A 406 -7.58 -20.71 -12.86
N THR A 407 -6.92 -20.04 -11.92
CA THR A 407 -5.51 -19.69 -12.04
C THR A 407 -4.54 -20.87 -11.92
N GLY A 409 -2.92 -21.61 -9.14
CA GLY A 409 -1.62 -22.14 -8.73
C GLY A 409 -1.63 -22.65 -7.29
N LEU A 410 -2.63 -23.45 -6.97
CA LEU A 410 -2.69 -24.10 -5.66
C LEU A 410 -1.73 -25.27 -5.63
N GLU A 411 -1.04 -25.43 -4.51
CA GLU A 411 0.01 -26.43 -4.38
C GLU A 411 -0.18 -27.19 -3.08
N LYS A 412 0.24 -28.44 -3.08
CA LYS A 412 0.38 -29.24 -1.87
C LYS A 412 1.02 -28.42 -0.76
N GLY A 413 0.41 -28.44 0.43
CA GLY A 413 0.93 -27.72 1.59
C GLY A 413 0.29 -26.37 1.83
N ASN A 414 -0.30 -25.76 0.80
CA ASN A 414 -1.05 -24.51 0.96
C ASN A 414 -2.21 -24.72 1.92
N VAL A 415 -2.39 -23.76 2.83
CA VAL A 415 -3.55 -23.74 3.71
C VAL A 415 -4.60 -22.86 3.03
N VAL A 416 -5.75 -23.45 2.76
CA VAL A 416 -6.75 -22.78 1.93
C VAL A 416 -8.01 -22.49 2.70
N VAL A 417 -8.60 -21.34 2.40
CA VAL A 417 -9.96 -21.04 2.82
C VAL A 417 -10.85 -21.36 1.61
N PHE A 418 -11.94 -22.08 1.85
CA PHE A 418 -12.92 -22.39 0.79
C PHE A 418 -14.35 -22.31 1.29
N HIS A 419 -15.28 -22.03 0.36
CA HIS A 419 -16.72 -22.09 0.65
C HIS A 419 -17.12 -23.52 0.82
N ALA A 420 -17.66 -23.85 1.99
CA ALA A 420 -18.02 -25.23 2.29
C ALA A 420 -19.46 -25.48 1.91
N ASN A 421 -20.28 -24.46 2.14
CA ASN A 421 -21.70 -24.47 1.87
C ASN A 421 -22.17 -23.01 1.77
N LYS A 422 -23.47 -22.81 1.68
CA LYS A 422 -24.04 -21.47 1.50
C LYS A 422 -23.64 -20.50 2.62
N ASN A 423 -23.58 -21.02 3.85
CA ASN A 423 -23.31 -20.23 5.06
C ASN A 423 -21.84 -20.15 5.51
N ASP A 424 -21.09 -21.23 5.28
CA ASP A 424 -19.77 -21.40 5.92
C ASP A 424 -18.60 -21.46 4.96
N ASP A 425 -17.50 -20.78 5.34
CA ASP A 425 -16.18 -21.01 4.77
C ASP A 425 -15.39 -21.86 5.75
N TYR A 426 -14.61 -22.80 5.24
CA TYR A 426 -13.70 -23.61 6.06
C TYR A 426 -12.25 -23.30 5.73
N VAL A 427 -11.36 -23.68 6.63
CA VAL A 427 -9.92 -23.64 6.37
C VAL A 427 -9.32 -25.03 6.62
N LYS A 428 -8.59 -25.55 5.62
CA LYS A 428 -7.91 -26.84 5.71
C LYS A 428 -6.61 -26.76 4.91
N ARG A 429 -5.75 -27.78 5.02
CA ARG A 429 -4.55 -27.82 4.19
C ARG A 429 -4.75 -28.69 2.96
N VAL A 430 -4.24 -28.20 1.83
CA VAL A 430 -4.21 -28.97 0.57
C VAL A 430 -3.17 -30.07 0.71
N ILE A 431 -3.63 -31.32 0.64
CA ILE A 431 -2.72 -32.48 0.72
C ILE A 431 -2.50 -33.12 -0.67
N GLY A 432 -3.46 -32.93 -1.58
CA GLY A 432 -3.30 -33.41 -2.95
C GLY A 432 -4.03 -32.53 -3.96
N VAL A 433 -3.38 -32.32 -5.09
CA VAL A 433 -3.94 -31.50 -6.18
C VAL A 433 -4.35 -32.40 -7.36
N PRO A 434 -5.12 -31.86 -8.33
CA PRO A 434 -5.54 -32.70 -9.46
C PRO A 434 -4.37 -33.43 -10.11
N GLY A 435 -4.56 -34.71 -10.42
CA GLY A 435 -3.49 -35.50 -11.03
C GLY A 435 -2.62 -36.26 -10.04
N ASP A 436 -2.58 -35.79 -8.79
CA ASP A 436 -1.82 -36.45 -7.72
C ASP A 436 -2.47 -37.76 -7.31
N LYS A 437 -1.65 -38.80 -7.19
CA LYS A 437 -2.08 -40.05 -6.56
C LYS A 437 -1.75 -40.03 -5.06
N VAL A 438 -2.76 -40.15 -4.22
CA VAL A 438 -2.56 -40.01 -2.77
C VAL A 438 -3.27 -41.10 -1.97
N GLU A 439 -2.57 -41.64 -0.97
CA GLU A 439 -3.15 -42.53 0.02
C GLU A 439 -2.38 -42.39 1.34
N TYR A 440 -3.05 -42.71 2.44
CA TYR A 440 -2.38 -42.81 3.74
C TYR A 440 -2.28 -44.27 4.17
N LYS A 441 -1.11 -44.64 4.68
CA LYS A 441 -0.92 -45.91 5.37
C LYS A 441 -0.59 -45.49 6.79
N ASN A 442 -1.55 -45.69 7.69
CA ASN A 442 -1.45 -45.21 9.07
C ASN A 442 -1.28 -43.69 9.13
N ASP A 443 -0.13 -43.20 9.58
CA ASP A 443 0.12 -41.76 9.55
C ASP A 443 1.12 -41.36 8.48
N THR A 444 1.42 -42.29 7.57
CA THR A 444 2.39 -42.06 6.50
C THR A 444 1.70 -41.66 5.20
N LEU A 445 2.05 -40.47 4.72
CA LEU A 445 1.51 -39.90 3.48
C LEU A 445 2.31 -40.32 2.23
N TYR A 446 1.61 -40.89 1.26
CA TYR A 446 2.18 -41.23 -0.04
C TYR A 446 1.55 -40.41 -1.15
N VAL A 447 2.38 -39.64 -1.84
CA VAL A 447 1.96 -38.82 -2.96
C VAL A 447 2.78 -39.25 -4.17
N ASN A 448 2.07 -39.68 -5.21
CA ASN A 448 2.69 -40.12 -6.46
C ASN A 448 3.76 -41.18 -6.19
N GLY A 449 3.39 -42.18 -5.41
CA GLY A 449 4.27 -43.29 -5.03
C GLY A 449 5.41 -42.97 -4.07
N LYS A 450 5.52 -41.72 -3.60
CA LYS A 450 6.62 -41.32 -2.72
C LYS A 450 6.12 -40.83 -1.35
N LYS A 451 6.67 -41.38 -0.28
CA LYS A 451 6.38 -40.88 1.07
C LYS A 451 6.69 -39.38 1.13
N GLN A 452 5.77 -38.61 1.69
CA GLN A 452 6.03 -37.19 1.87
C GLN A 452 5.96 -36.89 3.34
N ASP A 453 6.98 -36.21 3.83
CA ASP A 453 7.01 -35.72 5.20
C ASP A 453 5.99 -34.59 5.37
N GLU A 454 5.36 -34.57 6.55
CA GLU A 454 4.43 -33.53 6.93
C GLU A 454 4.91 -32.89 8.23
N PRO A 455 5.89 -31.98 8.14
CA PRO A 455 6.47 -31.42 9.38
C PRO A 455 5.47 -30.61 10.21
N TYR A 456 4.44 -30.07 9.56
CA TYR A 456 3.42 -29.27 10.25
C TYR A 456 2.52 -30.14 11.16
N LEU A 457 2.64 -31.46 11.06
CA LEU A 457 1.92 -32.38 11.94
C LEU A 457 2.75 -32.82 13.16
N ASN A 458 4.01 -32.36 13.20
CA ASN A 458 4.94 -32.82 14.23
C ASN A 458 4.40 -32.79 15.66
N TYR A 459 3.82 -31.66 16.06
CA TYR A 459 3.30 -31.52 17.43
C TYR A 459 2.17 -32.51 17.70
N ASN A 460 1.22 -32.60 16.76
CA ASN A 460 0.08 -33.48 16.94
C ASN A 460 0.44 -34.96 16.90
N LEU A 461 1.44 -35.29 16.08
CA LEU A 461 1.96 -36.67 16.02
C LEU A 461 2.54 -37.06 17.38
N LYS A 462 3.14 -36.09 18.06
CA LYS A 462 3.80 -36.39 19.33
C LYS A 462 2.95 -36.16 20.57
N HIS A 463 1.72 -35.71 20.37
CA HIS A 463 0.78 -35.54 21.47
C HIS A 463 -0.55 -36.09 21.05
N LYS A 464 -0.61 -37.38 20.75
CA LYS A 464 -1.84 -38.01 20.27
C LYS A 464 -2.53 -38.88 21.33
N GLN A 465 -3.84 -39.02 21.20
CA GLN A 465 -4.63 -39.87 22.10
C GLN A 465 -4.66 -41.31 21.60
N GLY A 466 -4.77 -41.48 20.29
CA GLY A 466 -4.88 -42.81 19.69
C GLY A 466 -3.59 -43.31 19.05
N ASP A 467 -3.68 -44.44 18.36
CA ASP A 467 -2.56 -45.05 17.68
C ASP A 467 -2.03 -44.18 16.54
N TYR A 468 -2.94 -43.60 15.78
CA TYR A 468 -2.59 -42.78 14.62
C TYR A 468 -3.53 -41.58 14.53
N ILE A 469 -3.04 -40.46 14.02
CA ILE A 469 -3.88 -39.26 13.96
C ILE A 469 -4.71 -39.17 12.67
N THR A 470 -4.13 -39.59 11.55
CA THR A 470 -4.84 -39.54 10.27
C THR A 470 -5.54 -40.89 9.99
N GLY A 471 -4.76 -41.96 9.93
CA GLY A 471 -5.32 -43.29 9.66
C GLY A 471 -5.26 -43.63 8.18
N THR A 472 -5.23 -44.92 7.89
CA THR A 472 -5.22 -45.43 6.52
C THR A 472 -6.48 -45.01 5.77
N PHE A 473 -6.31 -44.42 4.60
CA PHE A 473 -7.42 -44.23 3.68
C PHE A 473 -6.85 -43.97 2.30
N GLN A 474 -7.67 -44.22 1.28
CA GLN A 474 -7.29 -44.01 -0.10
C GLN A 474 -8.28 -43.05 -0.75
N VAL A 475 -7.78 -42.19 -1.64
CA VAL A 475 -8.59 -41.18 -2.32
C VAL A 475 -9.80 -41.82 -3.02
N LYS A 476 -9.59 -42.98 -3.67
CA LYS A 476 -10.65 -43.70 -4.39
C LYS A 476 -11.92 -44.00 -3.58
N ASP A 477 -11.81 -44.03 -2.25
CA ASP A 477 -12.95 -44.30 -1.38
C ASP A 477 -13.75 -43.05 -0.99
N LEU A 478 -13.24 -41.87 -1.34
CA LEU A 478 -13.85 -40.62 -0.88
C LEU A 478 -14.95 -40.09 -1.81
N PRO A 479 -15.96 -39.40 -1.25
CA PRO A 479 -16.94 -38.69 -2.09
C PRO A 479 -16.27 -37.76 -3.12
N ASN A 480 -16.88 -37.66 -4.31
CA ASN A 480 -16.38 -36.84 -5.43
C ASN A 480 -15.04 -37.31 -6.02
N ALA A 481 -14.58 -38.50 -5.62
CA ALA A 481 -13.38 -39.08 -6.22
C ALA A 481 -13.76 -40.01 -7.37
N ASN A 482 -12.74 -40.40 -8.14
CA ASN A 482 -12.86 -41.48 -9.12
C ASN A 482 -12.70 -42.82 -8.38
N PRO A 483 -13.81 -43.57 -8.21
CA PRO A 483 -13.80 -44.83 -7.44
C PRO A 483 -12.83 -45.89 -7.95
N LYS A 484 -12.26 -45.67 -9.13
CA LYS A 484 -11.32 -46.61 -9.75
C LYS A 484 -9.85 -46.22 -9.57
N SER A 485 -9.59 -45.03 -9.06
CA SER A 485 -8.22 -44.51 -8.95
C SER A 485 -7.95 -43.68 -7.70
N ASN A 486 -6.70 -43.72 -7.24
CA ASN A 486 -6.22 -42.83 -6.19
C ASN A 486 -5.70 -41.51 -6.77
N VAL A 487 -5.81 -41.38 -8.10
CA VAL A 487 -5.42 -40.17 -8.82
C VAL A 487 -6.57 -39.17 -8.72
N ILE A 488 -6.29 -38.05 -8.07
CA ILE A 488 -7.31 -37.02 -7.83
C ILE A 488 -7.82 -36.44 -9.15
N PRO A 489 -9.16 -36.45 -9.35
CA PRO A 489 -9.73 -36.00 -10.64
C PRO A 489 -9.43 -34.54 -10.95
N LYS A 490 -9.60 -34.18 -12.22
CA LYS A 490 -9.46 -32.79 -12.66
C LYS A 490 -10.36 -31.87 -11.85
N GLY A 491 -9.81 -30.72 -11.47
CA GLY A 491 -10.55 -29.70 -10.71
C GLY A 491 -10.81 -30.01 -9.24
N LYS A 492 -10.29 -31.14 -8.75
CA LYS A 492 -10.58 -31.59 -7.39
C LYS A 492 -9.37 -31.48 -6.45
N TYR A 493 -9.64 -31.29 -5.16
CA TYR A 493 -8.58 -31.15 -4.15
C TYR A 493 -8.83 -32.01 -2.93
N LEU A 494 -7.77 -32.62 -2.42
CA LEU A 494 -7.84 -33.35 -1.14
C LEU A 494 -7.36 -32.43 -0.01
N VAL A 495 -8.23 -32.15 0.96
CA VAL A 495 -7.88 -31.24 2.06
C VAL A 495 -8.07 -31.90 3.42
N LEU A 496 -7.08 -31.70 4.30
CA LEU A 496 -7.14 -32.24 5.66
C LEU A 496 -6.81 -31.17 6.69
N GLY A 497 -7.39 -31.26 7.88
CA GLY A 497 -7.04 -30.32 8.97
C GLY A 497 -5.82 -30.82 9.72
N ASP A 498 -4.94 -29.90 10.14
CA ASP A 498 -3.71 -30.31 10.85
C ASP A 498 -3.96 -31.03 12.16
N ASN A 499 -5.07 -30.70 12.84
CA ASN A 499 -5.48 -31.39 14.05
C ASN A 499 -6.24 -32.65 13.62
N ARG A 500 -5.48 -33.58 13.05
CA ARG A 500 -6.05 -34.73 12.33
C ARG A 500 -7.00 -35.58 13.17
N GLU A 501 -6.73 -35.70 14.48
CA GLU A 501 -7.55 -36.53 15.37
C GLU A 501 -8.98 -36.03 15.56
N VAL A 502 -9.20 -34.72 15.38
CA VAL A 502 -10.56 -34.16 15.53
C VAL A 502 -11.15 -33.62 14.23
N SER A 503 -10.31 -33.37 13.23
CA SER A 503 -10.73 -32.62 12.05
C SER A 503 -11.81 -33.33 11.20
N LYS A 504 -12.87 -32.59 10.88
CA LYS A 504 -13.84 -33.01 9.88
C LYS A 504 -13.40 -32.43 8.55
N ASP A 505 -12.86 -33.26 7.68
CA ASP A 505 -12.21 -32.78 6.45
C ASP A 505 -12.55 -33.73 5.29
N SER A 506 -11.70 -33.80 4.26
CA SER A 506 -11.96 -34.68 3.10
C SER A 506 -12.24 -36.15 3.48
N ARG A 507 -11.67 -36.61 4.60
CA ARG A 507 -11.94 -37.97 5.07
C ARG A 507 -13.44 -38.19 5.33
N ALA A 508 -14.14 -37.11 5.69
CA ALA A 508 -15.57 -37.17 5.96
C ALA A 508 -16.42 -36.68 4.79
N PHE A 509 -16.07 -35.52 4.21
CA PHE A 509 -16.90 -34.97 3.13
C PHE A 509 -16.34 -35.12 1.70
N GLY A 510 -15.16 -35.71 1.57
CA GLY A 510 -14.59 -35.99 0.26
C GLY A 510 -13.79 -34.85 -0.36
N LEU A 511 -13.45 -34.99 -1.63
CA LEU A 511 -12.69 -33.98 -2.37
C LEU A 511 -13.49 -32.70 -2.59
N ILE A 512 -12.83 -31.55 -2.52
CA ILE A 512 -13.51 -30.29 -2.80
C ILE A 512 -13.19 -29.82 -4.21
N ASP A 513 -14.00 -28.92 -4.73
CA ASP A 513 -13.83 -28.46 -6.09
C ASP A 513 -13.03 -27.17 -6.11
N GLU A 514 -12.30 -26.97 -7.19
CA GLU A 514 -11.53 -25.76 -7.46
C GLU A 514 -12.35 -24.47 -7.29
N ASP A 515 -13.61 -24.50 -7.72
CA ASP A 515 -14.50 -23.32 -7.62
C ASP A 515 -15.01 -23.02 -6.21
N GLN A 516 -14.68 -23.87 -5.23
CA GLN A 516 -14.99 -23.55 -3.84
C GLN A 516 -13.90 -22.68 -3.19
N ILE A 517 -12.72 -22.67 -3.78
CA ILE A 517 -11.55 -22.11 -3.11
C ILE A 517 -11.55 -20.59 -3.14
N VAL A 518 -11.32 -19.98 -1.98
CA VAL A 518 -11.27 -18.53 -1.83
C VAL A 518 -9.85 -17.99 -1.96
N GLY A 519 -8.93 -18.53 -1.16
CA GLY A 519 -7.55 -18.09 -1.16
C GLY A 519 -6.66 -18.93 -0.25
N LYS A 520 -5.38 -18.55 -0.18
CA LYS A 520 -4.38 -19.26 0.65
C LYS A 520 -4.04 -18.39 1.84
N VAL A 521 -3.93 -19.01 3.02
CA VAL A 521 -3.53 -18.29 4.22
C VAL A 521 -2.01 -17.97 4.14
N SER A 522 -1.63 -16.72 4.35
CA SER A 522 -0.21 -16.37 4.40
C SER A 522 0.32 -16.63 5.80
N PHE A 523 1.53 -17.17 5.87
CA PHE A 523 2.18 -17.41 7.14
C PHE A 523 3.46 -16.59 7.27
N ARG A 524 3.70 -16.06 8.47
CA ARG A 524 4.99 -15.50 8.80
C ARG A 524 5.89 -16.63 9.28
N PHE A 525 7.06 -16.80 8.67
CA PHE A 525 8.02 -17.76 9.21
C PHE A 525 8.78 -17.09 10.36
N TRP A 526 9.04 -17.85 11.42
CA TRP A 526 9.58 -17.27 12.63
C TRP A 526 11.04 -16.88 12.48
N SER A 527 11.75 -17.59 11.61
CA SER A 527 13.15 -17.24 11.32
C SER A 527 13.33 -16.48 10.01
N HIS A 528 14.26 -15.53 10.03
CA HIS A 528 14.71 -14.81 8.84
C HIS A 528 16.10 -14.31 9.09
N PRO A 529 16.85 -13.97 8.01
CA PRO A 529 18.19 -13.39 8.19
C PRO A 529 18.19 -12.09 9.02
N GLN A 530 19.37 -11.70 9.50
CA GLN A 530 19.49 -10.53 10.37
C GLN A 530 19.77 -9.25 9.58
CA GLY B 1 -14.59 -3.05 0.16
C GLY B 1 -15.76 -2.51 0.96
N GLY B 2 -16.43 -3.38 1.70
CA GLY B 2 -17.74 -3.10 2.26
C GLY B 2 -17.81 -2.39 3.61
N GLY B 3 -16.76 -2.47 4.40
CA GLY B 3 -16.74 -1.84 5.72
C GLY B 3 -17.17 -2.80 6.84
N GLY B 4 -17.59 -4.00 6.47
CA GLY B 4 -18.01 -5.01 7.44
C GLY B 4 -16.82 -5.67 8.14
N GLY B 5 -17.09 -6.30 9.28
CA GLY B 5 -16.06 -7.06 10.00
C GLY B 5 -15.55 -8.21 9.15
N ALA B 6 -14.37 -8.71 9.48
CA ALA B 6 -13.75 -9.81 8.72
C ALA B 6 -14.61 -11.08 8.73
N PRO B 7 -14.62 -11.83 7.62
CA PRO B 7 -15.33 -13.11 7.58
C PRO B 7 -14.68 -14.16 8.50
N THR B 8 -15.41 -15.25 8.74
CA THR B 8 -14.96 -16.34 9.61
C THR B 8 -14.61 -17.54 8.76
N ALA B 9 -13.46 -18.15 9.05
CA ALA B 9 -13.10 -19.43 8.47
C ALA B 9 -13.20 -20.48 9.57
N LYS B 10 -14.15 -21.38 9.42
CA LYS B 10 -14.35 -22.44 10.40
C LYS B 10 -13.31 -23.52 10.23
N ALA B 11 -12.85 -24.06 11.34
CA ALA B 11 -11.96 -25.20 11.34
C ALA B 11 -12.72 -26.32 12.06
N PRO B 12 -13.68 -26.97 11.36
CA PRO B 12 -14.65 -27.85 12.05
C PRO B 12 -14.13 -29.21 12.51
N SER B 13 -14.58 -29.62 13.69
CA SER B 13 -14.29 -30.95 14.27
C SER B 13 -15.42 -31.93 14.00
N LYS B 14 -15.08 -33.21 14.01
CA LYS B 14 -16.07 -34.30 13.87
C LYS B 14 -17.04 -34.32 15.04
C1 GLC C . 4.57 12.98 1.39
C2 GLC C . 3.21 12.86 0.69
C3 GLC C . 2.67 11.45 0.66
C4 GLC C . 3.76 10.46 0.23
C5 GLC C . 5.03 10.57 1.08
C6 GLC C . 6.14 9.71 0.47
O1 GLC C . 4.37 13.02 2.79
O2 GLC C . 2.23 13.67 1.37
O3 GLC C . 1.62 11.42 -0.32
O4 GLC C . 3.19 9.15 0.34
O5 GLC C . 5.50 11.91 1.07
O6 GLC C . 7.13 9.46 1.45
C1 GLC C . 2.76 8.61 -0.91
C2 GLC C . 1.43 7.94 -0.68
C3 GLC C . 1.63 6.80 0.34
C4 GLC C . 2.69 5.81 -0.16
C5 GLC C . 3.99 6.53 -0.50
C6 GLC C . 4.96 5.58 -1.21
O2 GLC C . 0.48 8.92 -0.22
O3 GLC C . 0.41 6.07 0.58
O4 GLC C . 2.91 4.81 0.84
O5 GLC C . 3.70 7.62 -1.40
O6 GLC C . 6.25 6.19 -1.26
#